data_7FPJ
#
_entry.id   7FPJ
#
_cell.length_a   87.618
_cell.length_b   82.036
_cell.length_c   93.762
_cell.angle_alpha   90
_cell.angle_beta   108.31
_cell.angle_gamma   90
#
_symmetry.space_group_name_H-M   'C 1 2 1'
#
loop_
_entity.id
_entity.type
_entity.pdbx_description
1 polymer 'Pre-mRNA-splicing factor 8'
2 polymer 'A1 cistron-splicing factor AAR2'
3 non-polymer 1-(1-benzyl-1H-imidazol-2-yl)methanamine
4 water water
#
loop_
_entity_poly.entity_id
_entity_poly.type
_entity_poly.pdbx_seq_one_letter_code
_entity_poly.pdbx_strand_id
1 'polypeptide(L)'
;GAMNSSNYAELFNNDIKLFVDDTNVYRVTVHKTFEGNVATKAINGCIFTLNPKTGHLFLKIIHTSVWAGQKRLSQLAKWK
TAEEVSALVRSLPKEEQPKQIIVTRKAMLDPLEVHMLDFPNIAIRPTELRLPFSAAMSIDKLSDVVMKATEPQMVLFNIY
DDWLDRISSYTAFSRLTLLLRALKTNEESAKMILLSDPTITIKSYHLWPSFTDEQWITIESQMRDLILTEYGRKYNVNIS
ALTQTEIKDIILGQNIKA
;
A
2 'polypeptide(L)'
;GAMAMNTVPFTSAPIEVTIGIDQYSFNVKENQPFHGIKDIPIGHVHVIHFQHADNSSMRYGYWFDCRMGNFYIQYDPKDG
LYKMMEERDGAKFENIVHNFKERQMMVSYPKIDEDDTWYNLTEFVQMDKIRKIVRKDENQFSYVDSSMTTVQENELSSSS
SDPAHSLNYTVINFKSREAIRPGHEMEDFLDKSYYLNTVMLQGIFKNSSNYFGELQFAFLNAMFFGNYGSSLQWHAMIEL
ICSSATVPKHMLDKLDEILYYQIKTLPEQYSDILLNERVWNICLYSSFQKNSLHNTEKIMENKYPELL
;
B
#
loop_
_chem_comp.id
_chem_comp.type
_chem_comp.name
_chem_comp.formula
V2L non-polymer 1-(1-benzyl-1H-imidazol-2-yl)methanamine 'C11 H13 N3'
#
# COMPACT_ATOMS: atom_id res chain seq x y z
N GLY A 1 10.08 -10.58 8.68
CA GLY A 1 10.71 -9.44 8.05
C GLY A 1 11.66 -9.85 6.93
N ALA A 2 12.64 -9.01 6.63
CA ALA A 2 13.59 -9.35 5.58
C ALA A 2 14.64 -10.33 6.10
N MET A 3 15.15 -11.13 5.18
CA MET A 3 16.08 -12.20 5.52
C MET A 3 17.49 -11.68 5.26
N ASN A 4 18.41 -11.91 6.20
CA ASN A 4 19.75 -11.32 6.09
C ASN A 4 20.77 -12.17 6.85
N SER A 5 22.01 -11.66 6.95
CA SER A 5 23.06 -12.38 7.65
C SER A 5 22.65 -12.76 9.06
N SER A 6 21.83 -11.92 9.71
CA SER A 6 21.52 -12.11 11.12
C SER A 6 20.65 -13.35 11.35
N ASN A 7 19.65 -13.59 10.49
CA ASN A 7 18.72 -14.68 10.69
C ASN A 7 18.92 -15.79 9.64
N TYR A 8 20.18 -16.10 9.36
CA TYR A 8 20.52 -17.05 8.29
C TYR A 8 20.19 -18.49 8.65
N ALA A 9 20.25 -18.87 9.93
CA ALA A 9 19.99 -20.26 10.26
C ALA A 9 18.51 -20.63 10.15
N GLU A 10 17.61 -19.64 10.09
CA GLU A 10 16.18 -19.89 9.95
C GLU A 10 15.90 -20.70 8.67
N LEU A 11 16.72 -20.53 7.65
CA LEU A 11 16.55 -21.31 6.41
C LEU A 11 16.57 -22.82 6.62
N PHE A 12 17.25 -23.29 7.65
CA PHE A 12 17.44 -24.72 7.84
C PHE A 12 16.64 -25.27 9.00
N ASN A 13 15.71 -24.50 9.53
CA ASN A 13 14.83 -25.03 10.57
C ASN A 13 13.75 -25.87 9.90
N ASN A 14 12.79 -26.35 10.68
CA ASN A 14 11.86 -27.32 10.14
C ASN A 14 10.56 -26.72 9.60
N ASP A 15 10.49 -25.40 9.43
CA ASP A 15 9.37 -24.74 8.79
C ASP A 15 9.61 -24.73 7.28
N ILE A 16 8.68 -25.28 6.51
CA ILE A 16 8.88 -25.33 5.06
C ILE A 16 8.95 -23.92 4.51
N LYS A 17 10.00 -23.65 3.72
CA LYS A 17 10.10 -22.41 3.00
C LYS A 17 10.70 -22.59 1.61
N LEU A 18 10.40 -21.64 0.75
CA LEU A 18 10.91 -21.59 -0.61
C LEU A 18 11.50 -20.23 -0.93
N PHE A 19 12.67 -20.29 -1.57
CA PHE A 19 13.21 -19.16 -2.30
C PHE A 19 12.59 -19.13 -3.69
N VAL A 20 12.25 -17.93 -4.16
CA VAL A 20 11.82 -17.74 -5.56
C VAL A 20 12.71 -16.70 -6.22
N ASP A 21 13.41 -17.12 -7.26
CA ASP A 21 14.21 -16.21 -8.07
C ASP A 21 13.61 -16.10 -9.45
N ASP A 22 13.36 -14.86 -9.91
CA ASP A 22 12.79 -14.55 -11.22
C ASP A 22 13.78 -13.99 -12.24
N THR A 23 15.07 -13.98 -11.92
N THR A 23 15.09 -14.04 -11.95
CA THR A 23 16.02 -13.32 -12.81
CA THR A 23 16.05 -13.34 -12.81
C THR A 23 15.87 -13.87 -14.22
C THR A 23 16.21 -13.96 -14.20
N ASN A 24 15.82 -15.21 -14.36
CA ASN A 24 15.90 -15.89 -15.66
C ASN A 24 14.52 -16.16 -16.27
N VAL A 25 13.48 -15.48 -15.83
CA VAL A 25 12.15 -15.76 -16.37
C VAL A 25 12.00 -15.18 -17.77
N TYR A 26 12.32 -13.90 -17.94
CA TYR A 26 12.26 -13.22 -19.23
C TYR A 26 13.68 -12.95 -19.72
N ARG A 27 14.07 -13.65 -20.78
CA ARG A 27 15.42 -13.61 -21.34
C ARG A 27 15.39 -13.26 -22.81
N VAL A 28 16.27 -12.34 -23.23
CA VAL A 28 16.31 -11.89 -24.61
C VAL A 28 17.74 -11.94 -25.14
N THR A 29 17.84 -11.83 -26.46
CA THR A 29 19.09 -11.47 -27.14
C THR A 29 18.76 -10.26 -28.02
N VAL A 30 19.13 -9.07 -27.54
CA VAL A 30 18.91 -7.84 -28.28
C VAL A 30 19.73 -7.84 -29.57
N HIS A 31 19.11 -7.41 -30.69
CA HIS A 31 19.73 -7.49 -32.01
C HIS A 31 19.31 -6.31 -32.87
N LYS A 32 19.83 -6.27 -34.11
CA LYS A 32 19.59 -5.16 -35.03
C LYS A 32 18.63 -5.55 -36.15
N THR A 33 17.62 -4.71 -36.39
CA THR A 33 16.71 -4.91 -37.51
C THR A 33 17.36 -4.45 -38.81
N PHE A 34 16.80 -4.93 -39.93
CA PHE A 34 17.33 -4.56 -41.23
C PHE A 34 17.38 -3.06 -41.41
N GLU A 35 16.46 -2.33 -40.76
CA GLU A 35 16.44 -0.88 -40.79
C GLU A 35 17.44 -0.25 -39.84
N GLY A 36 18.31 -1.06 -39.23
CA GLY A 36 19.27 -0.54 -38.28
C GLY A 36 18.71 -0.16 -36.93
N ASN A 37 17.49 -0.58 -36.60
CA ASN A 37 16.95 -0.38 -35.26
C ASN A 37 17.22 -1.63 -34.43
N VAL A 38 16.78 -1.62 -33.18
CA VAL A 38 17.11 -2.70 -32.26
C VAL A 38 15.82 -3.40 -31.86
N ALA A 39 15.84 -4.72 -31.94
CA ALA A 39 14.77 -5.58 -31.47
C ALA A 39 15.33 -6.58 -30.48
N THR A 40 14.45 -7.08 -29.63
CA THR A 40 14.74 -8.22 -28.79
C THR A 40 14.10 -9.45 -29.41
N LYS A 41 14.77 -10.59 -29.31
CA LYS A 41 14.13 -11.90 -29.49
C LYS A 41 14.24 -12.66 -28.17
N ALA A 42 13.09 -13.04 -27.62
CA ALA A 42 13.07 -13.82 -26.39
C ALA A 42 13.59 -15.24 -26.63
N ILE A 43 14.15 -15.82 -25.58
CA ILE A 43 14.45 -17.25 -25.51
C ILE A 43 13.78 -17.81 -24.25
N ASN A 44 13.73 -19.12 -24.16
CA ASN A 44 13.04 -19.75 -23.05
C ASN A 44 13.70 -19.34 -21.75
N GLY A 45 12.87 -19.16 -20.74
CA GLY A 45 13.35 -18.90 -19.38
C GLY A 45 12.87 -19.89 -18.35
N CYS A 46 13.05 -19.55 -17.07
CA CYS A 46 12.68 -20.43 -15.98
C CYS A 46 12.51 -19.65 -14.69
N ILE A 47 11.55 -20.09 -13.88
CA ILE A 47 11.43 -19.71 -12.49
C ILE A 47 12.29 -20.66 -11.68
N PHE A 48 13.05 -20.10 -10.72
CA PHE A 48 13.96 -20.88 -9.90
C PHE A 48 13.37 -20.85 -8.50
N THR A 49 12.72 -21.95 -8.09
CA THR A 49 12.00 -22.06 -6.83
C THR A 49 12.65 -23.19 -6.03
N LEU A 50 13.22 -22.86 -4.88
CA LEU A 50 14.14 -23.79 -4.22
C LEU A 50 13.80 -23.93 -2.76
N ASN A 51 13.65 -25.18 -2.29
CA ASN A 51 13.59 -25.44 -0.85
C ASN A 51 15.03 -25.54 -0.37
N PRO A 52 15.53 -24.58 0.44
CA PRO A 52 16.94 -24.63 0.84
C PRO A 52 17.27 -25.71 1.82
N LYS A 53 16.28 -26.25 2.55
CA LYS A 53 16.55 -27.33 3.51
C LYS A 53 16.70 -28.67 2.83
N THR A 54 15.85 -28.96 1.87
CA THR A 54 15.86 -30.28 1.23
C THR A 54 16.60 -30.30 -0.10
N GLY A 55 16.82 -29.13 -0.70
CA GLY A 55 17.40 -29.08 -2.04
C GLY A 55 16.42 -29.25 -3.18
N HIS A 56 15.16 -29.39 -2.91
CA HIS A 56 14.11 -29.58 -3.94
C HIS A 56 13.98 -28.32 -4.80
N LEU A 57 14.36 -28.35 -6.07
CA LEU A 57 14.19 -27.29 -7.04
C LEU A 57 12.92 -27.62 -7.86
N PHE A 58 11.94 -26.71 -7.89
CA PHE A 58 10.76 -26.74 -8.78
C PHE A 58 11.14 -25.82 -9.94
N LEU A 59 11.68 -26.33 -11.06
CA LEU A 59 12.14 -25.48 -12.17
C LEU A 59 11.01 -25.36 -13.17
N LYS A 60 10.30 -24.25 -13.13
CA LYS A 60 9.21 -24.03 -14.06
C LYS A 60 9.79 -23.37 -15.30
N ILE A 61 9.73 -24.07 -16.42
CA ILE A 61 10.23 -23.53 -17.67
C ILE A 61 9.20 -22.58 -18.31
N ILE A 62 9.68 -21.40 -18.72
CA ILE A 62 8.84 -20.34 -19.27
C ILE A 62 9.12 -20.34 -20.76
N HIS A 63 8.16 -20.85 -21.52
CA HIS A 63 8.33 -20.95 -22.97
C HIS A 63 8.06 -19.62 -23.63
N THR A 64 8.82 -19.29 -24.68
CA THR A 64 8.71 -17.99 -25.30
C THR A 64 7.30 -17.68 -25.83
N SER A 65 6.49 -18.71 -26.06
CA SER A 65 5.13 -18.44 -26.53
C SER A 65 4.33 -17.67 -25.50
N VAL A 66 4.73 -17.70 -24.22
N VAL A 66 4.74 -17.72 -24.22
CA VAL A 66 3.96 -16.99 -23.22
CA VAL A 66 4.08 -16.97 -23.15
C VAL A 66 4.05 -15.48 -23.40
C VAL A 66 4.02 -15.49 -23.48
N TRP A 67 5.03 -14.99 -24.14
CA TRP A 67 5.16 -13.56 -24.33
C TRP A 67 4.46 -13.08 -25.60
N ALA A 68 3.95 -13.98 -26.41
CA ALA A 68 3.45 -13.58 -27.73
C ALA A 68 2.33 -12.54 -27.61
N GLY A 69 2.53 -11.40 -28.27
CA GLY A 69 1.51 -10.35 -28.33
C GLY A 69 1.28 -9.62 -27.03
N GLN A 70 2.17 -9.79 -26.08
CA GLN A 70 2.07 -9.08 -24.81
C GLN A 70 2.93 -7.83 -24.82
N LYS A 71 2.53 -6.88 -23.96
CA LYS A 71 3.23 -5.61 -23.79
C LYS A 71 3.90 -5.61 -22.42
N ARG A 72 4.88 -4.72 -22.28
CA ARG A 72 5.58 -4.47 -21.03
C ARG A 72 6.06 -5.78 -20.41
N LEU A 73 6.93 -6.50 -21.14
CA LEU A 73 7.23 -7.89 -20.77
C LEU A 73 7.97 -7.99 -19.44
N SER A 74 8.92 -7.09 -19.18
CA SER A 74 9.64 -7.15 -17.90
C SER A 74 8.68 -7.05 -16.72
N GLN A 75 7.60 -6.26 -16.84
CA GLN A 75 6.60 -6.18 -15.79
C GLN A 75 5.71 -7.42 -15.74
N LEU A 76 5.31 -7.90 -16.92
CA LEU A 76 4.51 -9.11 -17.00
C LEU A 76 5.25 -10.29 -16.38
N ALA A 77 6.56 -10.37 -16.60
CA ALA A 77 7.34 -11.50 -16.09
C ALA A 77 7.21 -11.65 -14.58
N LYS A 78 7.18 -10.54 -13.85
CA LYS A 78 7.01 -10.64 -12.42
C LYS A 78 5.64 -11.22 -12.07
N TRP A 79 4.57 -10.77 -12.75
CA TRP A 79 3.21 -11.29 -12.50
C TRP A 79 3.06 -12.76 -12.96
N LYS A 80 3.65 -13.11 -14.10
CA LYS A 80 3.70 -14.52 -14.55
C LYS A 80 4.42 -15.41 -13.52
N THR A 81 5.58 -14.96 -13.04
CA THR A 81 6.27 -15.64 -11.94
C THR A 81 5.35 -15.86 -10.76
N ALA A 82 4.70 -14.78 -10.29
CA ALA A 82 3.80 -14.93 -9.17
C ALA A 82 2.64 -15.87 -9.44
N GLU A 83 2.04 -15.81 -10.66
CA GLU A 83 0.97 -16.74 -11.04
C GLU A 83 1.48 -18.19 -10.96
N GLU A 84 2.67 -18.46 -11.49
CA GLU A 84 3.19 -19.83 -11.47
C GLU A 84 3.53 -20.34 -10.06
N VAL A 85 4.07 -19.45 -9.20
CA VAL A 85 4.41 -19.88 -7.84
C VAL A 85 3.12 -20.18 -7.05
N SER A 86 2.10 -19.34 -7.20
N SER A 86 2.11 -19.32 -7.21
CA SER A 86 0.86 -19.63 -6.49
CA SER A 86 0.83 -19.57 -6.56
C SER A 86 0.19 -20.90 -7.03
C SER A 86 0.19 -20.88 -7.04
N ALA A 87 0.29 -21.15 -8.33
CA ALA A 87 -0.22 -22.41 -8.87
C ALA A 87 0.52 -23.59 -8.30
N LEU A 88 1.83 -23.45 -8.14
CA LEU A 88 2.62 -24.53 -7.54
C LEU A 88 2.17 -24.79 -6.13
N VAL A 89 2.00 -23.74 -5.31
CA VAL A 89 1.57 -23.96 -3.95
C VAL A 89 0.22 -24.64 -3.93
N ARG A 90 -0.73 -24.18 -4.74
CA ARG A 90 -2.04 -24.80 -4.74
C ARG A 90 -1.98 -26.27 -5.14
N SER A 91 -1.02 -26.61 -5.99
CA SER A 91 -0.86 -28.02 -6.39
C SER A 91 -0.32 -28.91 -5.27
N LEU A 92 0.30 -28.33 -4.22
CA LEU A 92 0.93 -29.18 -3.23
C LEU A 92 -0.09 -29.58 -2.19
N PRO A 93 0.04 -30.78 -1.62
CA PRO A 93 -0.73 -31.08 -0.40
C PRO A 93 -0.47 -30.06 0.69
N LYS A 94 -1.50 -29.87 1.53
CA LYS A 94 -1.45 -28.85 2.58
C LYS A 94 -0.18 -28.99 3.43
N GLU A 95 0.12 -30.21 3.86
CA GLU A 95 1.30 -30.45 4.68
C GLU A 95 2.62 -30.21 3.94
N GLU A 96 2.60 -30.03 2.63
CA GLU A 96 3.81 -29.66 1.89
C GLU A 96 3.87 -28.20 1.50
N GLN A 97 2.81 -27.44 1.75
CA GLN A 97 2.84 -26.05 1.33
C GLN A 97 3.77 -25.24 2.25
N PRO A 98 4.45 -24.23 1.71
CA PRO A 98 5.42 -23.51 2.53
C PRO A 98 4.71 -22.59 3.52
N LYS A 99 5.40 -22.31 4.61
N LYS A 99 5.39 -22.33 4.62
CA LYS A 99 4.95 -21.30 5.57
CA LYS A 99 4.95 -21.30 5.56
C LYS A 99 5.52 -19.92 5.28
C LYS A 99 5.43 -19.92 5.16
N GLN A 100 6.56 -19.87 4.43
CA GLN A 100 7.17 -18.65 3.97
C GLN A 100 7.70 -18.83 2.54
N ILE A 101 7.63 -17.74 1.78
CA ILE A 101 8.27 -17.65 0.48
C ILE A 101 9.15 -16.42 0.51
N ILE A 102 10.43 -16.61 0.23
CA ILE A 102 11.43 -15.55 0.22
C ILE A 102 11.78 -15.23 -1.21
N VAL A 103 11.48 -14.01 -1.65
CA VAL A 103 11.75 -13.61 -3.04
C VAL A 103 13.12 -12.99 -3.08
N THR A 104 13.88 -13.28 -4.11
CA THR A 104 15.23 -12.74 -4.12
C THR A 104 15.30 -11.32 -4.62
N ARG A 105 14.25 -10.82 -5.28
CA ARG A 105 14.17 -9.42 -5.72
C ARG A 105 12.90 -8.79 -5.19
N LYS A 106 13.01 -7.56 -4.64
CA LYS A 106 11.90 -6.91 -3.96
C LYS A 106 10.75 -6.60 -4.91
N ALA A 107 11.02 -6.41 -6.19
CA ALA A 107 9.94 -6.16 -7.13
C ALA A 107 8.96 -7.33 -7.23
N MET A 108 9.31 -8.50 -6.72
CA MET A 108 8.37 -9.60 -6.67
C MET A 108 7.42 -9.58 -5.50
N LEU A 109 7.59 -8.67 -4.53
CA LEU A 109 6.75 -8.75 -3.33
C LEU A 109 5.27 -8.53 -3.64
N ASP A 110 4.91 -7.40 -4.29
CA ASP A 110 3.51 -7.12 -4.48
C ASP A 110 2.88 -8.14 -5.45
N PRO A 111 3.52 -8.46 -6.56
CA PRO A 111 2.92 -9.49 -7.44
C PRO A 111 2.63 -10.79 -6.69
N LEU A 112 3.60 -11.30 -5.90
CA LEU A 112 3.37 -12.56 -5.21
C LEU A 112 2.31 -12.40 -4.13
N GLU A 113 2.38 -11.29 -3.36
CA GLU A 113 1.37 -11.06 -2.34
C GLU A 113 -0.05 -11.09 -2.92
N VAL A 114 -0.27 -10.42 -4.06
CA VAL A 114 -1.60 -10.35 -4.66
C VAL A 114 -2.04 -11.73 -5.15
N HIS A 115 -1.13 -12.50 -5.76
CA HIS A 115 -1.50 -13.85 -6.19
C HIS A 115 -1.72 -14.79 -5.02
N MET A 116 -1.14 -14.51 -3.87
CA MET A 116 -1.32 -15.44 -2.77
C MET A 116 -2.34 -14.96 -1.76
N LEU A 117 -3.28 -14.10 -2.17
CA LEU A 117 -4.23 -13.59 -1.19
C LEU A 117 -5.03 -14.70 -0.55
N ASP A 118 -5.24 -15.80 -1.29
CA ASP A 118 -5.90 -16.99 -0.77
C ASP A 118 -5.10 -17.67 0.33
N PHE A 119 -3.86 -17.27 0.56
CA PHE A 119 -2.97 -17.92 1.54
C PHE A 119 -2.46 -16.87 2.52
N PRO A 120 -3.34 -16.38 3.41
CA PRO A 120 -2.95 -15.29 4.31
C PRO A 120 -1.86 -15.65 5.29
N ASN A 121 -1.72 -16.93 5.64
CA ASN A 121 -0.74 -17.38 6.61
C ASN A 121 0.59 -17.81 5.99
N ILE A 122 0.76 -17.66 4.67
CA ILE A 122 2.07 -17.80 4.04
C ILE A 122 2.72 -16.42 3.99
N ALA A 123 3.82 -16.28 4.74
CA ALA A 123 4.55 -15.03 4.77
C ALA A 123 5.39 -14.86 3.52
N ILE A 124 5.23 -13.73 2.84
CA ILE A 124 6.07 -13.33 1.71
C ILE A 124 7.14 -12.37 2.20
N ARG A 125 8.41 -12.74 2.03
CA ARG A 125 9.55 -12.02 2.59
C ARG A 125 10.56 -11.66 1.50
N PRO A 126 11.12 -10.46 1.59
CA PRO A 126 12.32 -10.13 0.81
C PRO A 126 13.56 -10.56 1.55
N THR A 127 14.72 -10.33 0.93
CA THR A 127 15.99 -10.60 1.56
C THR A 127 16.97 -9.50 1.23
N GLU A 128 17.90 -9.26 2.18
N GLU A 128 17.89 -9.25 2.16
CA GLU A 128 19.02 -8.36 2.00
CA GLU A 128 19.00 -8.34 1.90
C GLU A 128 20.25 -9.07 1.44
C GLU A 128 20.20 -9.06 1.29
N LEU A 129 20.22 -10.39 1.35
CA LEU A 129 21.30 -11.13 0.72
C LEU A 129 21.27 -11.02 -0.79
N ARG A 130 22.47 -10.97 -1.38
CA ARG A 130 22.63 -10.79 -2.81
C ARG A 130 22.93 -12.15 -3.46
N LEU A 131 21.92 -13.04 -3.42
CA LEU A 131 22.17 -14.46 -3.69
C LEU A 131 22.42 -14.73 -5.17
N PRO A 132 23.23 -15.77 -5.48
CA PRO A 132 23.74 -15.93 -6.85
C PRO A 132 22.85 -16.80 -7.73
N PHE A 133 21.52 -16.83 -7.47
CA PHE A 133 20.69 -17.82 -8.16
C PHE A 133 20.54 -17.51 -9.64
N SER A 134 20.77 -16.27 -10.05
CA SER A 134 20.82 -16.00 -11.49
C SER A 134 21.72 -16.99 -12.22
N ALA A 135 22.79 -17.43 -11.59
CA ALA A 135 23.74 -18.31 -12.25
C ALA A 135 23.19 -19.75 -12.44
N ALA A 136 21.91 -20.02 -12.16
CA ALA A 136 21.39 -21.37 -12.30
C ALA A 136 21.45 -21.84 -13.75
N MET A 137 21.42 -20.89 -14.69
CA MET A 137 21.52 -21.25 -16.09
C MET A 137 22.96 -21.50 -16.53
N SER A 138 23.93 -21.41 -15.62
CA SER A 138 25.26 -21.92 -15.87
C SER A 138 25.42 -23.38 -15.53
N ILE A 139 24.43 -24.01 -14.90
CA ILE A 139 24.46 -25.45 -14.69
C ILE A 139 23.98 -26.14 -15.97
N ASP A 140 24.87 -26.91 -16.62
CA ASP A 140 24.62 -27.38 -17.97
C ASP A 140 23.30 -28.12 -18.11
N LYS A 141 23.00 -29.02 -17.18
CA LYS A 141 21.75 -29.78 -17.30
C LYS A 141 20.52 -28.89 -17.17
N LEU A 142 20.58 -27.83 -16.35
CA LEU A 142 19.42 -26.94 -16.26
C LEU A 142 19.28 -26.10 -17.51
N SER A 143 20.38 -25.51 -17.99
CA SER A 143 20.35 -24.74 -19.23
C SER A 143 19.78 -25.58 -20.36
N ASP A 144 20.17 -26.85 -20.41
CA ASP A 144 19.82 -27.74 -21.51
C ASP A 144 18.33 -28.00 -21.55
N VAL A 145 17.72 -28.28 -20.40
CA VAL A 145 16.32 -28.61 -20.39
C VAL A 145 15.47 -27.36 -20.66
N VAL A 146 15.92 -26.18 -20.22
CA VAL A 146 15.18 -24.95 -20.54
C VAL A 146 15.24 -24.66 -22.05
N MET A 147 16.43 -24.77 -22.63
N MET A 147 16.42 -24.75 -22.64
N MET A 147 16.41 -24.74 -22.66
CA MET A 147 16.67 -24.41 -24.02
CA MET A 147 16.56 -24.36 -24.05
CA MET A 147 16.48 -24.34 -24.07
C MET A 147 15.99 -25.36 -25.00
C MET A 147 15.82 -25.32 -24.99
C MET A 147 15.72 -25.30 -24.97
N LYS A 148 15.66 -26.58 -24.59
CA LYS A 148 14.99 -27.58 -25.45
C LYS A 148 13.47 -27.61 -25.29
N ALA A 149 12.90 -26.92 -24.31
CA ALA A 149 11.47 -27.00 -24.09
C ALA A 149 10.73 -26.42 -25.27
N THR A 150 9.68 -27.13 -25.71
CA THR A 150 8.80 -26.70 -26.79
C THR A 150 7.44 -26.28 -26.28
N GLU A 151 7.20 -26.38 -24.97
CA GLU A 151 5.95 -26.02 -24.35
C GLU A 151 6.23 -25.73 -22.87
N PRO A 152 5.30 -25.07 -22.18
CA PRO A 152 5.46 -24.92 -20.73
C PRO A 152 5.62 -26.26 -20.04
N GLN A 153 6.49 -26.30 -19.03
CA GLN A 153 6.92 -27.58 -18.50
C GLN A 153 7.58 -27.36 -17.14
N MET A 154 7.18 -28.13 -16.11
CA MET A 154 7.84 -28.14 -14.79
C MET A 154 8.82 -29.31 -14.73
N VAL A 155 10.06 -29.02 -14.35
CA VAL A 155 11.10 -30.06 -14.17
C VAL A 155 11.58 -30.04 -12.73
N LEU A 156 11.73 -31.20 -12.11
CA LEU A 156 11.97 -31.38 -10.68
C LEU A 156 13.37 -31.92 -10.43
N PHE A 157 14.26 -31.16 -9.78
CA PHE A 157 15.67 -31.55 -9.51
C PHE A 157 15.97 -31.44 -8.02
N ASN A 158 16.89 -32.24 -7.50
CA ASN A 158 17.47 -31.96 -6.17
C ASN A 158 18.72 -31.21 -6.54
N ILE A 159 18.91 -29.90 -6.20
CA ILE A 159 20.11 -29.15 -6.54
C ILE A 159 21.31 -29.54 -5.67
N TYR A 160 21.12 -30.37 -4.64
CA TYR A 160 22.19 -30.84 -3.77
C TYR A 160 22.67 -32.22 -4.15
N ASP A 161 22.22 -32.76 -5.28
CA ASP A 161 22.52 -34.14 -5.63
C ASP A 161 22.30 -34.98 -4.37
N ASP A 162 23.30 -35.77 -3.94
CA ASP A 162 23.15 -36.66 -2.81
C ASP A 162 23.88 -36.13 -1.59
N TRP A 163 24.17 -34.82 -1.57
CA TRP A 163 25.06 -34.28 -0.56
C TRP A 163 24.47 -34.46 0.84
N LEU A 164 23.14 -34.38 0.97
CA LEU A 164 22.53 -34.43 2.29
C LEU A 164 22.73 -35.76 2.99
N ASP A 165 23.15 -36.81 2.27
CA ASP A 165 23.56 -38.06 2.94
C ASP A 165 24.81 -37.89 3.79
N ARG A 166 25.63 -36.89 3.48
CA ARG A 166 26.91 -36.73 4.16
C ARG A 166 27.08 -35.42 4.90
N ILE A 167 26.35 -34.36 4.53
CA ILE A 167 26.50 -33.04 5.11
C ILE A 167 25.14 -32.47 5.47
N SER A 168 25.16 -31.45 6.33
CA SER A 168 23.92 -30.81 6.75
C SER A 168 23.38 -29.88 5.65
N SER A 169 22.12 -29.46 5.80
N SER A 169 22.15 -29.41 5.83
CA SER A 169 21.55 -28.47 4.90
CA SER A 169 21.56 -28.49 4.86
C SER A 169 22.34 -27.20 4.92
C SER A 169 22.18 -27.10 4.95
N TYR A 170 22.72 -26.73 6.13
CA TYR A 170 23.48 -25.49 6.18
C TYR A 170 24.71 -25.59 5.29
N THR A 171 25.45 -26.69 5.42
CA THR A 171 26.69 -26.89 4.70
C THR A 171 26.42 -27.02 3.20
N ALA A 172 25.35 -27.72 2.85
CA ALA A 172 24.96 -27.90 1.43
C ALA A 172 24.57 -26.59 0.78
N PHE A 173 23.78 -25.78 1.49
CA PHE A 173 23.45 -24.46 0.96
C PHE A 173 24.70 -23.63 0.77
N SER A 174 25.62 -23.68 1.72
CA SER A 174 26.85 -22.90 1.57
C SER A 174 27.67 -23.35 0.37
N ARG A 175 27.79 -24.67 0.16
CA ARG A 175 28.47 -25.16 -1.02
C ARG A 175 27.77 -24.71 -2.30
N LEU A 176 26.45 -24.76 -2.31
CA LEU A 176 25.70 -24.37 -3.49
C LEU A 176 25.94 -22.90 -3.83
N THR A 177 25.88 -22.04 -2.80
CA THR A 177 26.00 -20.62 -3.07
C THR A 177 27.43 -20.28 -3.43
N LEU A 178 28.41 -21.03 -2.93
CA LEU A 178 29.78 -20.80 -3.39
C LEU A 178 29.96 -21.22 -4.85
N LEU A 179 29.41 -22.35 -5.23
CA LEU A 179 29.52 -22.78 -6.62
C LEU A 179 28.84 -21.78 -7.55
N LEU A 180 27.64 -21.33 -7.19
CA LEU A 180 26.91 -20.43 -8.06
C LEU A 180 27.54 -19.04 -8.07
N ARG A 181 28.04 -18.60 -6.91
CA ARG A 181 28.77 -17.34 -6.90
C ARG A 181 29.99 -17.42 -7.82
N ALA A 182 30.67 -18.56 -7.86
CA ALA A 182 31.83 -18.69 -8.73
C ALA A 182 31.42 -18.68 -10.20
N LEU A 183 30.40 -19.45 -10.54
CA LEU A 183 29.91 -19.46 -11.90
C LEU A 183 29.47 -18.08 -12.37
N LYS A 184 28.97 -17.28 -11.44
CA LYS A 184 28.46 -15.96 -11.78
C LYS A 184 29.58 -14.95 -12.04
N THR A 185 30.71 -15.07 -11.33
N THR A 185 30.71 -15.09 -11.36
CA THR A 185 31.78 -14.09 -11.50
CA THR A 185 31.79 -14.11 -11.46
C THR A 185 32.69 -14.45 -12.66
C THR A 185 32.76 -14.45 -12.57
N ASN A 186 32.97 -15.74 -12.85
CA ASN A 186 33.79 -16.16 -13.99
C ASN A 186 33.35 -17.57 -14.36
N GLU A 187 32.34 -17.65 -15.23
CA GLU A 187 31.78 -18.94 -15.60
C GLU A 187 32.85 -19.86 -16.19
N GLU A 188 33.73 -19.31 -17.02
CA GLU A 188 34.68 -20.17 -17.73
C GLU A 188 35.61 -20.84 -16.73
N SER A 189 36.27 -20.05 -15.88
CA SER A 189 37.17 -20.62 -14.89
C SER A 189 36.44 -21.57 -13.96
N ALA A 190 35.27 -21.18 -13.46
CA ALA A 190 34.47 -22.06 -12.61
C ALA A 190 34.24 -23.41 -13.27
N LYS A 191 33.84 -23.42 -14.54
CA LYS A 191 33.57 -24.71 -15.16
C LYS A 191 34.87 -25.49 -15.38
N MET A 192 35.98 -24.78 -15.57
CA MET A 192 37.27 -25.46 -15.70
CA MET A 192 37.26 -25.47 -15.71
C MET A 192 37.62 -26.23 -14.43
N ILE A 193 37.36 -25.62 -13.27
CA ILE A 193 37.65 -26.26 -12.00
C ILE A 193 36.86 -27.54 -11.84
N LEU A 194 35.60 -27.50 -12.27
CA LEU A 194 34.66 -28.58 -11.97
C LEU A 194 34.90 -29.79 -12.86
N LEU A 195 35.35 -29.57 -14.09
CA LEU A 195 35.51 -30.60 -15.08
C LEU A 195 36.97 -30.87 -15.41
N SER A 196 37.90 -30.17 -14.75
CA SER A 196 39.31 -30.34 -15.06
C SER A 196 39.70 -31.82 -15.11
N ASP A 197 39.30 -32.59 -14.09
CA ASP A 197 39.81 -33.94 -13.90
C ASP A 197 38.92 -34.95 -14.62
N PRO A 198 39.38 -35.55 -15.74
CA PRO A 198 38.51 -36.48 -16.48
C PRO A 198 38.04 -37.69 -15.68
N THR A 199 38.69 -38.02 -14.56
CA THR A 199 38.29 -39.19 -13.79
C THR A 199 37.03 -38.96 -12.97
N ILE A 200 36.65 -37.70 -12.72
CA ILE A 200 35.46 -37.39 -11.92
C ILE A 200 34.30 -37.17 -12.89
N THR A 201 33.22 -37.90 -12.70
CA THR A 201 32.08 -37.83 -13.60
C THR A 201 30.88 -37.23 -12.87
N ILE A 202 29.87 -36.86 -13.66
CA ILE A 202 28.58 -36.42 -13.16
C ILE A 202 27.60 -37.55 -13.39
N LYS A 203 26.98 -38.05 -12.32
CA LYS A 203 26.04 -39.14 -12.47
C LYS A 203 24.90 -38.71 -13.38
N SER A 204 24.34 -39.67 -14.13
CA SER A 204 23.24 -39.32 -15.00
C SER A 204 22.11 -38.61 -14.26
N TYR A 205 21.88 -38.98 -13.00
CA TYR A 205 20.80 -38.40 -12.21
C TYR A 205 21.27 -37.24 -11.30
N HIS A 206 22.45 -36.67 -11.56
CA HIS A 206 22.96 -35.56 -10.75
C HIS A 206 23.31 -34.38 -11.62
N LEU A 207 23.58 -33.25 -10.95
CA LEU A 207 23.90 -32.02 -11.64
C LEU A 207 25.37 -31.66 -11.58
N TRP A 208 26.01 -32.02 -10.47
CA TRP A 208 27.39 -31.74 -10.15
C TRP A 208 28.22 -33.04 -10.12
N PRO A 209 29.53 -32.92 -10.22
CA PRO A 209 30.37 -34.12 -10.21
C PRO A 209 30.38 -34.86 -8.89
N SER A 210 30.77 -36.14 -8.97
CA SER A 210 30.84 -37.01 -7.78
C SER A 210 32.20 -36.87 -7.10
N PHE A 211 32.35 -35.80 -6.33
CA PHE A 211 33.59 -35.56 -5.59
C PHE A 211 33.55 -36.29 -4.26
N THR A 212 34.68 -36.91 -3.89
CA THR A 212 34.84 -37.31 -2.51
C THR A 212 34.82 -36.09 -1.61
N ASP A 213 34.72 -36.36 -0.30
CA ASP A 213 34.80 -35.29 0.69
C ASP A 213 36.08 -34.47 0.52
N GLU A 214 37.21 -35.14 0.28
CA GLU A 214 38.48 -34.45 0.20
C GLU A 214 38.56 -33.59 -1.05
N GLN A 215 38.06 -34.11 -2.16
CA GLN A 215 38.00 -33.37 -3.40
C GLN A 215 37.05 -32.19 -3.29
N TRP A 216 35.97 -32.32 -2.49
CA TRP A 216 35.08 -31.19 -2.30
C TRP A 216 35.81 -30.05 -1.58
N ILE A 217 36.69 -30.39 -0.63
CA ILE A 217 37.42 -29.34 0.05
C ILE A 217 38.36 -28.64 -0.92
N THR A 218 39.04 -29.41 -1.75
CA THR A 218 39.93 -28.83 -2.75
C THR A 218 39.13 -27.95 -3.72
N ILE A 219 38.02 -28.49 -4.21
CA ILE A 219 37.15 -27.73 -5.11
C ILE A 219 36.68 -26.43 -4.44
N GLU A 220 36.15 -26.55 -3.23
CA GLU A 220 35.62 -25.38 -2.55
C GLU A 220 36.70 -24.32 -2.39
N SER A 221 37.91 -24.74 -2.04
N SER A 221 37.91 -24.74 -1.99
CA SER A 221 39.03 -23.80 -1.92
CA SER A 221 39.05 -23.83 -1.93
C SER A 221 39.33 -23.14 -3.26
C SER A 221 39.27 -23.14 -3.26
N GLN A 222 39.38 -23.92 -4.34
CA GLN A 222 39.61 -23.33 -5.66
C GLN A 222 38.52 -22.33 -6.04
N MET A 223 37.29 -22.55 -5.57
CA MET A 223 36.22 -21.61 -5.91
C MET A 223 36.35 -20.29 -5.16
N ARG A 224 36.77 -20.34 -3.88
N ARG A 224 36.81 -20.34 -3.90
CA ARG A 224 37.01 -19.12 -3.11
CA ARG A 224 36.98 -19.10 -3.13
C ARG A 224 38.11 -18.28 -3.74
C ARG A 224 38.14 -18.26 -3.68
N ASP A 225 39.24 -18.91 -4.07
CA ASP A 225 40.32 -18.21 -4.77
CA ASP A 225 40.32 -18.20 -4.77
C ASP A 225 39.77 -17.43 -5.97
N LEU A 226 39.04 -18.11 -6.85
CA LEU A 226 38.49 -17.48 -8.05
C LEU A 226 37.68 -16.24 -7.72
N ILE A 227 36.86 -16.32 -6.67
CA ILE A 227 35.95 -15.24 -6.32
C ILE A 227 36.71 -14.04 -5.78
N LEU A 228 37.72 -14.27 -4.96
CA LEU A 228 38.62 -13.21 -4.53
C LEU A 228 39.40 -12.64 -5.71
N THR A 229 40.15 -13.49 -6.41
CA THR A 229 40.82 -13.10 -7.64
C THR A 229 39.94 -12.16 -8.46
N GLU A 230 38.85 -12.68 -9.01
CA GLU A 230 37.96 -11.84 -9.83
C GLU A 230 37.55 -10.57 -9.10
N TYR A 231 37.55 -10.60 -7.77
CA TYR A 231 37.35 -9.37 -7.02
C TYR A 231 38.56 -8.46 -7.09
N GLY A 232 39.74 -9.02 -7.39
CA GLY A 232 40.93 -8.21 -7.61
C GLY A 232 41.09 -7.81 -9.06
N ARG A 233 40.73 -8.71 -9.99
CA ARG A 233 40.78 -8.36 -11.40
C ARG A 233 39.77 -7.26 -11.72
N LYS A 234 38.66 -7.21 -10.99
CA LYS A 234 37.69 -6.15 -11.22
C LYS A 234 38.06 -4.88 -10.47
N TYR A 235 38.55 -5.02 -9.24
CA TYR A 235 38.84 -3.87 -8.39
C TYR A 235 40.31 -3.48 -8.37
N ASN A 236 41.18 -4.26 -9.01
CA ASN A 236 42.63 -4.02 -9.02
C ASN A 236 43.16 -3.89 -7.59
N VAL A 237 43.09 -5.02 -6.86
CA VAL A 237 43.64 -5.13 -5.51
C VAL A 237 44.50 -6.39 -5.39
N MET B 5 -31.41 32.03 8.71
CA MET B 5 -30.14 32.07 9.49
C MET B 5 -30.34 31.52 10.91
N ASN B 6 -29.57 30.48 11.27
CA ASN B 6 -29.76 29.81 12.55
C ASN B 6 -28.61 30.08 13.50
N THR B 7 -28.82 29.62 14.74
CA THR B 7 -28.04 30.03 15.89
C THR B 7 -27.71 28.83 16.74
N VAL B 8 -26.49 28.81 17.28
CA VAL B 8 -26.07 27.85 18.28
C VAL B 8 -25.64 28.64 19.51
N PRO B 9 -26.51 28.81 20.48
CA PRO B 9 -26.14 29.58 21.68
C PRO B 9 -25.29 28.74 22.64
N PHE B 10 -24.58 29.44 23.51
CA PHE B 10 -23.74 28.84 24.53
C PHE B 10 -24.24 29.27 25.91
N THR B 11 -24.41 28.31 26.82
CA THR B 11 -24.77 28.67 28.19
C THR B 11 -23.79 29.66 28.80
N SER B 12 -22.50 29.39 28.62
CA SER B 12 -21.41 30.15 29.19
C SER B 12 -20.11 29.63 28.60
N ALA B 13 -19.02 30.34 28.88
CA ALA B 13 -17.68 29.88 28.51
C ALA B 13 -16.77 29.90 29.73
N PRO B 14 -16.83 28.87 30.58
CA PRO B 14 -16.08 28.93 31.85
C PRO B 14 -14.59 28.66 31.72
N ILE B 15 -14.13 28.00 30.66
CA ILE B 15 -12.70 27.83 30.49
C ILE B 15 -12.27 28.42 29.16
N GLU B 16 -11.04 28.91 29.17
CA GLU B 16 -10.44 29.55 28.01
C GLU B 16 -10.25 28.53 26.90
N VAL B 17 -10.71 28.91 25.72
CA VAL B 17 -10.83 27.96 24.61
C VAL B 17 -10.82 28.74 23.30
N THR B 18 -10.19 28.14 22.30
CA THR B 18 -10.35 28.56 20.91
C THR B 18 -11.51 27.76 20.30
N ILE B 19 -12.50 28.49 19.80
CA ILE B 19 -13.73 27.94 19.26
C ILE B 19 -13.68 28.12 17.75
N GLY B 20 -13.87 27.06 17.03
CA GLY B 20 -14.04 27.13 15.58
C GLY B 20 -15.46 26.88 15.15
N ILE B 21 -15.87 27.54 14.06
CA ILE B 21 -17.12 27.22 13.38
C ILE B 21 -16.72 27.16 11.90
N ASP B 22 -16.83 25.97 11.33
CA ASP B 22 -16.37 25.73 9.96
C ASP B 22 -14.93 26.20 9.90
N GLN B 23 -14.56 27.00 8.90
CA GLN B 23 -13.18 27.40 8.69
C GLN B 23 -12.83 28.66 9.47
N TYR B 24 -13.73 29.13 10.33
CA TYR B 24 -13.49 30.30 11.14
C TYR B 24 -13.16 29.91 12.57
N SER B 25 -12.55 30.84 13.29
CA SER B 25 -12.18 30.59 14.69
C SER B 25 -11.94 31.91 15.42
N PHE B 26 -12.12 31.84 16.74
CA PHE B 26 -11.93 33.00 17.61
C PHE B 26 -11.59 32.50 19.01
N ASN B 27 -10.90 33.37 19.75
CA ASN B 27 -10.42 33.07 21.08
C ASN B 27 -11.40 33.61 22.12
N VAL B 28 -11.82 32.78 23.06
CA VAL B 28 -12.71 33.18 24.15
C VAL B 28 -11.93 33.07 25.45
N LYS B 29 -11.96 34.13 26.27
CA LYS B 29 -11.19 34.11 27.50
C LYS B 29 -11.96 33.41 28.62
N GLU B 30 -11.23 32.98 29.65
CA GLU B 30 -11.88 32.32 30.79
C GLU B 30 -13.01 33.20 31.35
N ASN B 31 -14.23 32.68 31.34
CA ASN B 31 -15.42 33.39 31.83
C ASN B 31 -15.73 34.69 31.08
N GLN B 32 -15.24 34.85 29.86
CA GLN B 32 -15.73 35.93 28.99
C GLN B 32 -17.21 35.70 28.71
N PRO B 33 -17.99 36.78 28.54
CA PRO B 33 -19.46 36.64 28.35
C PRO B 33 -19.85 36.27 26.92
N PHE B 34 -19.39 35.11 26.49
CA PHE B 34 -19.70 34.57 25.18
C PHE B 34 -20.96 33.72 25.27
N HIS B 35 -21.92 33.95 24.37
CA HIS B 35 -23.15 33.15 24.45
C HIS B 35 -23.58 32.63 23.09
N GLY B 36 -22.65 32.55 22.15
CA GLY B 36 -22.88 31.66 21.03
C GLY B 36 -22.62 32.31 19.70
N ILE B 37 -23.12 31.63 18.67
CA ILE B 37 -22.82 31.89 17.27
C ILE B 37 -24.14 32.00 16.52
N LYS B 38 -24.35 33.12 15.85
CA LYS B 38 -25.60 33.40 15.14
C LYS B 38 -25.33 33.52 13.63
N ASP B 39 -26.41 33.67 12.83
CA ASP B 39 -26.32 33.87 11.38
C ASP B 39 -25.63 32.70 10.67
N ILE B 40 -25.85 31.49 11.15
CA ILE B 40 -25.20 30.33 10.54
C ILE B 40 -25.95 29.97 9.27
N PRO B 41 -25.28 29.91 8.12
CA PRO B 41 -26.01 29.63 6.87
C PRO B 41 -26.73 28.30 6.90
N ILE B 42 -27.98 28.38 6.57
CA ILE B 42 -28.84 27.22 6.42
C ILE B 42 -28.56 26.55 5.09
N GLY B 43 -28.57 25.22 5.12
CA GLY B 43 -28.47 24.43 3.91
C GLY B 43 -27.21 23.62 3.79
N HIS B 44 -26.30 23.72 4.77
CA HIS B 44 -25.03 23.04 4.76
C HIS B 44 -24.91 22.37 6.11
N VAL B 45 -24.11 21.32 6.17
N VAL B 45 -24.18 21.25 6.17
CA VAL B 45 -23.66 20.79 7.46
CA VAL B 45 -23.69 20.82 7.49
C VAL B 45 -22.52 21.66 7.98
C VAL B 45 -22.70 21.85 8.00
N HIS B 46 -22.44 21.77 9.30
CA HIS B 46 -21.49 22.65 9.95
C HIS B 46 -20.74 21.84 11.01
N VAL B 47 -19.62 22.38 11.45
CA VAL B 47 -18.86 21.78 12.54
C VAL B 47 -18.43 22.89 13.46
N ILE B 48 -18.67 22.69 14.77
N ILE B 48 -18.74 22.74 14.76
CA ILE B 48 -18.22 23.62 15.79
CA ILE B 48 -18.23 23.60 15.81
C ILE B 48 -17.23 22.85 16.68
C ILE B 48 -17.18 22.79 16.56
N HIS B 49 -16.05 23.43 16.86
CA HIS B 49 -14.92 22.68 17.41
C HIS B 49 -14.10 23.53 18.37
N PHE B 50 -13.27 22.83 19.16
CA PHE B 50 -12.78 23.40 20.40
C PHE B 50 -11.33 22.99 20.58
N GLN B 51 -10.51 23.92 21.04
CA GLN B 51 -9.15 23.58 21.50
C GLN B 51 -8.91 24.35 22.80
N HIS B 52 -8.87 23.66 23.91
CA HIS B 52 -8.71 24.37 25.18
C HIS B 52 -7.37 25.07 25.24
N ALA B 53 -7.35 26.23 25.88
CA ALA B 53 -6.13 26.99 25.97
C ALA B 53 -5.08 26.22 26.76
N ASP B 54 -5.51 25.39 27.72
CA ASP B 54 -4.57 24.76 28.64
C ASP B 54 -3.97 23.51 28.01
N ASN B 55 -4.82 22.62 27.50
CA ASN B 55 -4.38 21.33 26.97
C ASN B 55 -4.76 21.31 25.49
N SER B 56 -3.91 21.91 24.66
CA SER B 56 -4.09 21.86 23.22
C SER B 56 -4.16 20.44 22.72
N SER B 57 -3.78 19.46 23.53
CA SER B 57 -4.12 18.09 23.24
C SER B 57 -5.64 17.96 23.16
N MET B 58 -6.11 17.05 22.31
N MET B 58 -6.07 17.05 22.29
CA MET B 58 -7.53 16.88 22.09
CA MET B 58 -7.46 16.81 21.97
C MET B 58 -8.13 18.12 21.43
C MET B 58 -8.13 18.06 21.42
N ARG B 59 -8.11 18.18 20.10
CA ARG B 59 -9.10 19.02 19.40
C ARG B 59 -10.35 18.16 19.32
N TYR B 60 -11.52 18.76 19.48
CA TYR B 60 -12.75 17.98 19.38
C TYR B 60 -13.87 18.89 18.91
N GLY B 61 -14.98 18.29 18.51
CA GLY B 61 -16.05 19.10 17.94
C GLY B 61 -17.27 18.29 17.53
N TYR B 62 -18.24 19.01 16.93
CA TYR B 62 -19.56 18.44 16.69
C TYR B 62 -19.99 18.80 15.28
N TRP B 63 -20.37 17.80 14.50
CA TRP B 63 -20.99 18.01 13.20
C TRP B 63 -22.50 18.08 13.38
N PHE B 64 -23.15 19.03 12.67
CA PHE B 64 -24.58 19.25 12.89
C PHE B 64 -25.19 19.97 11.67
N ASP B 65 -26.53 20.00 11.66
CA ASP B 65 -27.34 20.63 10.59
C ASP B 65 -28.53 21.26 11.31
N CYS B 66 -28.57 22.59 11.36
CA CYS B 66 -29.62 23.30 12.09
C CYS B 66 -31.03 22.99 11.58
N ARG B 67 -31.18 22.37 10.43
CA ARG B 67 -32.53 21.97 10.01
C ARG B 67 -33.04 20.82 10.86
N MET B 68 -32.17 20.04 11.47
N MET B 68 -32.16 20.03 11.45
CA MET B 68 -32.58 18.84 12.19
CA MET B 68 -32.54 18.83 12.19
C MET B 68 -32.85 19.08 13.66
C MET B 68 -32.79 19.07 13.66
N GLY B 69 -32.82 20.32 14.11
CA GLY B 69 -33.09 20.60 15.50
C GLY B 69 -32.40 21.86 15.94
N ASN B 70 -32.74 22.27 17.16
CA ASN B 70 -32.09 23.39 17.84
C ASN B 70 -31.01 22.84 18.75
N PHE B 71 -29.79 23.31 18.57
CA PHE B 71 -28.66 22.79 19.32
C PHE B 71 -27.97 23.93 20.06
N TYR B 72 -27.46 23.61 21.26
CA TYR B 72 -26.71 24.55 22.05
C TYR B 72 -25.45 23.87 22.60
N ILE B 73 -24.53 24.68 23.13
CA ILE B 73 -23.31 24.19 23.77
C ILE B 73 -23.33 24.57 25.26
N GLN B 74 -22.86 23.65 26.11
CA GLN B 74 -22.78 23.95 27.54
C GLN B 74 -21.55 23.21 28.06
N TYR B 75 -20.71 23.91 28.81
CA TYR B 75 -19.54 23.26 29.39
C TYR B 75 -19.95 22.32 30.52
N ASP B 76 -19.30 21.15 30.57
CA ASP B 76 -19.50 20.16 31.63
C ASP B 76 -18.23 20.09 32.49
N PRO B 77 -18.27 20.55 33.74
CA PRO B 77 -17.03 20.56 34.55
C PRO B 77 -16.65 19.19 35.07
N LYS B 78 -17.48 18.17 34.86
CA LYS B 78 -17.16 16.82 35.31
C LYS B 78 -16.31 16.13 34.25
N ASP B 79 -16.82 16.15 33.01
CA ASP B 79 -16.10 15.57 31.88
C ASP B 79 -15.16 16.55 31.21
N GLY B 80 -15.22 17.83 31.54
CA GLY B 80 -14.15 18.73 31.14
C GLY B 80 -14.20 19.12 29.71
N LEU B 81 -15.40 19.25 29.17
CA LEU B 81 -15.47 19.69 27.78
C LEU B 81 -16.78 20.39 27.50
N TYR B 82 -16.76 21.12 26.40
CA TYR B 82 -17.96 21.76 25.86
C TYR B 82 -18.76 20.70 25.12
N LYS B 83 -19.99 20.46 25.58
CA LYS B 83 -20.84 19.44 24.98
C LYS B 83 -21.94 20.09 24.13
N MET B 84 -22.24 19.48 23.01
CA MET B 84 -23.42 19.91 22.25
C MET B 84 -24.62 19.18 22.84
N MET B 85 -25.74 19.89 22.96
CA MET B 85 -27.00 19.27 23.35
C MET B 85 -28.15 19.78 22.48
N GLU B 86 -29.23 18.98 22.43
CA GLU B 86 -30.46 19.37 21.75
C GLU B 86 -31.48 19.89 22.76
N GLU B 87 -32.07 21.04 22.46
CA GLU B 87 -33.18 21.58 23.24
C GLU B 87 -34.49 21.20 22.54
N ARG B 88 -35.35 20.47 23.23
CA ARG B 88 -36.60 20.00 22.65
C ARG B 88 -37.74 21.00 22.77
N ASP B 89 -37.59 22.02 23.62
CA ASP B 89 -38.62 23.02 23.86
C ASP B 89 -38.36 24.23 22.97
N GLY B 90 -39.18 24.37 21.93
CA GLY B 90 -38.93 25.41 20.94
C GLY B 90 -38.96 26.82 21.52
N ALA B 91 -39.94 27.09 22.38
CA ALA B 91 -40.10 28.45 22.89
C ALA B 91 -39.03 28.81 23.90
N LYS B 92 -38.59 27.83 24.69
CA LYS B 92 -37.45 28.04 25.57
C LYS B 92 -36.24 28.52 24.76
N PHE B 93 -35.98 27.84 23.63
CA PHE B 93 -34.80 28.11 22.82
C PHE B 93 -34.87 29.46 22.14
N GLU B 94 -35.94 29.72 21.39
CA GLU B 94 -36.06 31.01 20.72
C GLU B 94 -35.93 32.13 21.74
N ASN B 95 -36.45 31.91 22.94
CA ASN B 95 -36.41 32.94 23.98
C ASN B 95 -34.99 33.13 24.49
N ILE B 96 -34.31 32.02 24.81
CA ILE B 96 -32.88 32.09 25.10
C ILE B 96 -32.18 32.88 24.01
N VAL B 97 -32.38 32.48 22.76
CA VAL B 97 -31.60 33.06 21.69
C VAL B 97 -31.96 34.53 21.54
N HIS B 98 -33.25 34.85 21.54
CA HIS B 98 -33.66 36.24 21.45
C HIS B 98 -33.05 37.09 22.55
N ASN B 99 -33.14 36.63 23.81
CA ASN B 99 -32.53 37.40 24.87
C ASN B 99 -31.03 37.57 24.64
N PHE B 100 -30.34 36.49 24.21
CA PHE B 100 -28.89 36.60 24.01
C PHE B 100 -28.57 37.54 22.85
N LYS B 101 -29.36 37.48 21.77
CA LYS B 101 -29.18 38.45 20.69
C LYS B 101 -29.45 39.88 21.17
N GLU B 102 -30.47 40.06 22.01
CA GLU B 102 -30.81 41.40 22.50
C GLU B 102 -29.62 42.03 23.21
N ARG B 103 -28.86 41.25 23.97
CA ARG B 103 -27.69 41.77 24.66
C ARG B 103 -26.41 41.61 23.84
N GLN B 104 -26.53 41.24 22.57
CA GLN B 104 -25.41 41.17 21.61
C GLN B 104 -24.21 40.43 22.20
N MET B 105 -24.47 39.28 22.80
CA MET B 105 -23.41 38.43 23.34
C MET B 105 -23.11 37.25 22.41
N MET B 106 -23.35 37.40 21.12
CA MET B 106 -23.11 36.35 20.16
C MET B 106 -22.20 36.87 19.05
N VAL B 107 -21.37 36.01 18.51
CA VAL B 107 -20.60 36.35 17.33
C VAL B 107 -21.41 35.96 16.11
N SER B 108 -21.13 36.62 14.98
CA SER B 108 -21.81 36.38 13.72
C SER B 108 -20.96 35.46 12.83
N TYR B 109 -21.58 34.41 12.34
CA TYR B 109 -20.86 33.52 11.43
C TYR B 109 -20.30 34.39 10.32
N PRO B 110 -19.01 34.55 10.18
CA PRO B 110 -18.52 35.73 9.45
C PRO B 110 -18.31 35.49 7.95
N LYS B 111 -19.38 35.19 7.24
CA LYS B 111 -19.27 34.77 5.86
C LYS B 111 -19.20 35.97 4.91
N ILE B 112 -18.14 35.99 4.09
CA ILE B 112 -18.06 36.89 2.94
C ILE B 112 -19.03 36.43 1.88
N ASP B 113 -19.79 37.37 1.32
CA ASP B 113 -20.80 37.03 0.33
C ASP B 113 -20.17 36.41 -0.92
N GLU B 114 -19.02 36.93 -1.35
CA GLU B 114 -18.30 36.40 -2.51
C GLU B 114 -17.86 34.95 -2.33
N ASP B 115 -17.88 34.43 -1.11
CA ASP B 115 -17.10 33.25 -0.73
C ASP B 115 -17.97 32.00 -0.73
N ASP B 116 -17.58 31.00 -1.52
CA ASP B 116 -18.26 29.72 -1.58
C ASP B 116 -17.40 28.60 -0.98
N THR B 117 -16.42 28.95 -0.17
CA THR B 117 -15.50 27.92 0.33
C THR B 117 -16.26 26.80 1.02
N TRP B 118 -17.14 27.14 1.96
CA TRP B 118 -17.73 26.09 2.79
C TRP B 118 -18.61 25.17 1.95
N TYR B 119 -19.49 25.77 1.13
CA TYR B 119 -20.26 24.99 0.19
C TYR B 119 -19.36 24.04 -0.57
N ASN B 120 -18.20 24.53 -1.03
CA ASN B 120 -17.40 23.69 -1.92
C ASN B 120 -16.70 22.57 -1.16
N LEU B 121 -16.50 22.73 0.12
CA LEU B 121 -15.85 21.70 0.92
C LEU B 121 -16.84 20.67 1.44
N THR B 122 -18.12 21.01 1.43
CA THR B 122 -19.18 20.18 1.99
C THR B 122 -20.24 19.85 0.96
N GLU B 123 -19.98 20.11 -0.33
CA GLU B 123 -20.96 19.97 -1.39
C GLU B 123 -21.71 18.65 -1.30
N PHE B 124 -21.00 17.54 -1.07
CA PHE B 124 -21.62 16.23 -1.05
C PHE B 124 -21.76 15.64 0.33
N VAL B 125 -21.46 16.40 1.38
CA VAL B 125 -21.53 15.89 2.74
C VAL B 125 -22.94 16.08 3.26
N GLN B 126 -23.54 14.99 3.72
N GLN B 126 -23.57 14.98 3.65
CA GLN B 126 -24.91 14.99 4.22
CA GLN B 126 -24.88 14.99 4.25
C GLN B 126 -24.91 14.41 5.64
C GLN B 126 -24.80 14.51 5.68
N MET B 127 -25.64 15.07 6.55
CA MET B 127 -25.68 14.61 7.94
C MET B 127 -26.06 13.14 8.03
N ASP B 128 -26.94 12.67 7.16
CA ASP B 128 -27.34 11.27 7.23
C ASP B 128 -26.14 10.35 7.07
N LYS B 129 -25.19 10.70 6.19
CA LYS B 129 -24.03 9.83 5.99
C LYS B 129 -23.02 9.96 7.13
N ILE B 130 -22.82 11.19 7.63
CA ILE B 130 -21.96 11.40 8.81
C ILE B 130 -22.42 10.49 9.95
N ARG B 131 -23.74 10.45 10.20
CA ARG B 131 -24.26 9.70 11.34
C ARG B 131 -24.04 8.20 11.19
N LYS B 132 -23.78 7.73 9.96
CA LYS B 132 -23.41 6.33 9.76
C LYS B 132 -21.91 6.10 9.98
N ILE B 133 -21.07 7.06 9.59
CA ILE B 133 -19.66 6.98 9.89
C ILE B 133 -19.43 7.13 11.39
N VAL B 134 -20.19 8.02 12.05
CA VAL B 134 -20.06 8.26 13.49
C VAL B 134 -21.34 7.79 14.17
N ARG B 135 -21.29 6.67 14.89
CA ARG B 135 -22.51 6.04 15.37
C ARG B 135 -22.84 6.52 16.78
N LYS B 136 -24.04 7.09 16.93
CA LYS B 136 -24.57 7.50 18.24
C LYS B 136 -26.00 7.99 18.01
N ASP B 137 -26.88 7.05 17.67
CA ASP B 137 -28.16 7.44 17.08
C ASP B 137 -29.08 8.17 18.05
N GLU B 138 -28.71 8.30 19.32
CA GLU B 138 -29.51 9.07 20.26
C GLU B 138 -29.30 10.58 20.10
N ASN B 139 -28.35 11.01 19.29
CA ASN B 139 -28.14 12.43 19.05
C ASN B 139 -28.23 12.73 17.57
N GLN B 140 -28.80 13.88 17.24
CA GLN B 140 -28.87 14.34 15.85
C GLN B 140 -27.55 14.94 15.36
N PHE B 141 -26.57 15.13 16.24
CA PHE B 141 -25.27 15.68 15.90
C PHE B 141 -24.17 14.66 16.20
N SER B 142 -22.97 14.86 15.64
CA SER B 142 -21.90 13.85 15.71
C SER B 142 -20.61 14.39 16.30
N TYR B 143 -20.11 13.72 17.34
CA TYR B 143 -18.86 14.11 18.01
C TYR B 143 -17.67 13.47 17.32
N VAL B 144 -16.63 14.26 17.10
CA VAL B 144 -15.37 13.74 16.55
C VAL B 144 -14.21 14.40 17.28
N ASP B 145 -13.10 13.66 17.46
CA ASP B 145 -11.92 14.28 18.08
C ASP B 145 -10.63 13.71 17.47
N SER B 146 -9.51 14.29 17.94
CA SER B 146 -8.20 14.01 17.37
C SER B 146 -7.84 12.54 17.47
N SER B 147 -8.29 11.87 18.53
CA SER B 147 -7.76 10.57 18.91
C SER B 147 -8.55 9.41 18.35
N MET B 148 -9.80 9.62 17.92
CA MET B 148 -10.63 8.52 17.46
C MET B 148 -10.00 7.76 16.30
N THR B 149 -10.11 6.43 16.38
CA THR B 149 -9.54 5.54 15.38
C THR B 149 -10.62 5.05 14.45
N THR B 150 -10.19 4.61 13.27
CA THR B 150 -11.08 4.11 12.26
C THR B 150 -11.23 2.59 12.37
N VAL B 151 -12.34 2.09 11.82
CA VAL B 151 -12.57 0.64 11.77
C VAL B 151 -11.33 -0.06 11.26
N GLN B 152 -10.82 0.38 10.10
CA GLN B 152 -9.65 -0.27 9.50
C GLN B 152 -8.42 -0.16 10.39
N GLU B 153 -8.27 0.97 11.11
CA GLU B 153 -7.15 1.07 12.03
C GLU B 153 -7.26 0.03 13.15
N ASN B 154 -8.49 -0.19 13.65
CA ASN B 154 -8.71 -1.16 14.73
C ASN B 154 -8.48 -2.60 14.26
N GLU B 155 -8.58 -2.87 12.95
CA GLU B 155 -8.31 -4.24 12.47
C GLU B 155 -6.84 -4.59 12.55
N LEU B 156 -5.95 -3.62 12.38
CA LEU B 156 -4.51 -3.85 12.33
C LEU B 156 -3.90 -3.57 13.70
N SER B 161 -9.67 0.69 19.70
CA SER B 161 -10.09 -0.66 20.05
C SER B 161 -11.52 -0.67 20.62
N ASP B 162 -12.04 0.51 21.01
CA ASP B 162 -13.39 0.62 21.55
C ASP B 162 -14.37 0.88 20.42
N PRO B 163 -15.20 -0.09 20.01
CA PRO B 163 -15.98 0.10 18.77
C PRO B 163 -16.96 1.26 18.83
N ALA B 164 -17.56 1.54 19.99
CA ALA B 164 -18.56 2.60 20.08
C ALA B 164 -18.00 3.97 19.71
N HIS B 165 -16.67 4.11 19.71
CA HIS B 165 -15.98 5.38 19.51
C HIS B 165 -15.15 5.40 18.23
N SER B 166 -15.51 4.57 17.25
CA SER B 166 -14.76 4.43 16.01
C SER B 166 -15.36 5.27 14.89
N LEU B 167 -14.53 5.60 13.91
CA LEU B 167 -14.97 6.20 12.66
C LEU B 167 -15.14 5.09 11.63
N ASN B 168 -16.38 4.79 11.28
N ASN B 168 -16.38 4.86 11.23
CA ASN B 168 -16.72 3.68 10.38
CA ASN B 168 -16.79 3.76 10.38
C ASN B 168 -16.69 4.11 8.91
C ASN B 168 -16.71 4.15 8.89
N TYR B 169 -15.50 4.55 8.48
CA TYR B 169 -15.29 4.83 7.09
C TYR B 169 -15.30 3.52 6.31
N THR B 170 -15.53 3.62 4.99
CA THR B 170 -15.52 2.44 4.15
C THR B 170 -14.09 1.92 4.01
N VAL B 171 -13.90 0.63 4.28
CA VAL B 171 -12.55 0.06 4.22
C VAL B 171 -12.09 -0.10 2.77
N ILE B 172 -10.93 0.46 2.48
CA ILE B 172 -10.28 0.36 1.18
C ILE B 172 -8.93 -0.30 1.41
N ASN B 173 -8.62 -1.31 0.62
CA ASN B 173 -7.35 -2.01 0.81
C ASN B 173 -6.97 -2.57 -0.56
N PHE B 174 -5.88 -2.06 -1.13
CA PHE B 174 -5.57 -2.38 -2.53
C PHE B 174 -5.01 -3.79 -2.70
N LYS B 175 -4.61 -4.43 -1.64
CA LYS B 175 -4.14 -5.83 -1.72
C LYS B 175 -5.10 -6.67 -0.89
N SER B 176 -6.33 -6.78 -1.38
CA SER B 176 -7.40 -7.49 -0.67
C SER B 176 -8.22 -8.25 -1.70
N ARG B 177 -8.90 -9.30 -1.25
CA ARG B 177 -9.74 -10.03 -2.18
C ARG B 177 -10.84 -9.14 -2.73
N GLU B 178 -11.42 -8.26 -1.91
CA GLU B 178 -12.45 -7.38 -2.47
C GLU B 178 -11.90 -6.57 -3.63
N ALA B 179 -10.62 -6.23 -3.61
CA ALA B 179 -10.04 -5.36 -4.62
C ALA B 179 -9.60 -6.09 -5.87
N ILE B 180 -9.41 -7.41 -5.79
CA ILE B 180 -8.69 -8.15 -6.81
C ILE B 180 -9.54 -9.33 -7.22
N ARG B 181 -9.99 -9.34 -8.49
CA ARG B 181 -10.76 -10.45 -9.02
C ARG B 181 -9.85 -11.66 -9.22
N PRO B 182 -10.20 -12.83 -8.70
CA PRO B 182 -9.42 -14.04 -9.00
C PRO B 182 -9.24 -14.17 -10.50
N GLY B 183 -8.00 -14.33 -10.93
CA GLY B 183 -7.70 -14.40 -12.35
C GLY B 183 -7.38 -13.09 -13.03
N HIS B 184 -7.72 -11.95 -12.43
CA HIS B 184 -7.33 -10.66 -12.98
C HIS B 184 -6.30 -9.97 -12.07
N GLU B 185 -5.47 -10.76 -11.39
CA GLU B 185 -4.58 -10.22 -10.37
C GLU B 185 -3.81 -9.01 -10.89
N MET B 186 -3.05 -9.18 -11.97
CA MET B 186 -2.23 -8.07 -12.43
C MET B 186 -3.12 -6.96 -12.96
N GLU B 187 -4.18 -7.34 -13.68
CA GLU B 187 -5.03 -6.33 -14.30
C GLU B 187 -5.63 -5.42 -13.23
N ASP B 188 -6.22 -6.02 -12.20
CA ASP B 188 -6.90 -5.24 -11.17
C ASP B 188 -5.92 -4.49 -10.28
N PHE B 189 -4.68 -4.96 -10.13
CA PHE B 189 -3.77 -4.27 -9.21
C PHE B 189 -3.23 -3.02 -9.87
N LEU B 190 -2.96 -3.11 -11.17
CA LEU B 190 -2.38 -1.99 -11.89
C LEU B 190 -3.43 -1.01 -12.43
N ASP B 191 -4.70 -1.42 -12.51
CA ASP B 191 -5.82 -0.57 -13.00
C ASP B 191 -6.99 -0.84 -12.07
N LYS B 192 -7.23 0.05 -11.13
CA LYS B 192 -8.19 -0.31 -10.11
C LYS B 192 -9.65 -0.06 -10.54
N SER B 193 -9.95 0.08 -11.84
CA SER B 193 -11.28 0.54 -12.25
C SER B 193 -12.36 -0.41 -11.74
N TYR B 194 -12.12 -1.73 -11.76
N TYR B 194 -12.12 -1.73 -11.83
N TYR B 194 -12.12 -1.72 -11.80
CA TYR B 194 -13.18 -2.63 -11.32
CA TYR B 194 -13.06 -2.71 -11.29
CA TYR B 194 -13.13 -2.66 -11.31
C TYR B 194 -13.48 -2.41 -9.84
C TYR B 194 -13.46 -2.35 -9.87
C TYR B 194 -13.47 -2.37 -9.86
N TYR B 195 -12.46 -2.15 -9.02
CA TYR B 195 -12.68 -1.90 -7.60
C TYR B 195 -13.40 -0.56 -7.42
N LEU B 196 -13.01 0.45 -8.17
CA LEU B 196 -13.71 1.76 -8.07
C LEU B 196 -15.14 1.63 -8.53
N ASN B 197 -15.33 1.21 -9.79
CA ASN B 197 -16.63 1.39 -10.43
C ASN B 197 -17.63 0.30 -10.03
N THR B 198 -17.21 -0.95 -9.95
CA THR B 198 -18.11 -2.05 -9.62
C THR B 198 -18.27 -2.26 -8.12
N VAL B 199 -17.15 -2.47 -7.42
CA VAL B 199 -17.21 -2.78 -6.01
C VAL B 199 -17.72 -1.58 -5.22
N MET B 200 -17.09 -0.44 -5.42
CA MET B 200 -17.30 0.69 -4.52
C MET B 200 -18.45 1.59 -5.00
N LEU B 201 -18.33 2.13 -6.21
CA LEU B 201 -19.36 3.04 -6.70
C LEU B 201 -20.70 2.31 -6.86
N GLN B 202 -20.73 1.25 -7.68
N GLN B 202 -20.73 1.25 -7.68
CA GLN B 202 -21.99 0.55 -7.90
CA GLN B 202 -22.00 0.55 -7.91
C GLN B 202 -22.42 -0.24 -6.66
C GLN B 202 -22.42 -0.26 -6.70
N GLY B 203 -21.48 -0.93 -6.03
CA GLY B 203 -21.81 -1.83 -4.95
C GLY B 203 -22.01 -1.20 -3.58
N ILE B 204 -21.12 -0.32 -3.17
CA ILE B 204 -21.06 0.14 -1.79
C ILE B 204 -21.61 1.56 -1.66
N PHE B 205 -21.09 2.50 -2.43
CA PHE B 205 -21.54 3.88 -2.31
C PHE B 205 -22.81 4.15 -3.10
N LYS B 206 -23.11 3.35 -4.11
CA LYS B 206 -24.30 3.44 -4.93
C LYS B 206 -24.16 4.54 -5.99
N ASN B 207 -23.55 5.67 -5.64
CA ASN B 207 -23.32 6.75 -6.59
C ASN B 207 -22.06 7.51 -6.17
N SER B 208 -21.56 8.33 -7.10
CA SER B 208 -20.35 9.11 -6.82
C SER B 208 -20.60 10.18 -5.77
N SER B 209 -21.82 10.70 -5.69
CA SER B 209 -22.09 11.73 -4.67
C SER B 209 -21.76 11.22 -3.26
N ASN B 210 -22.25 10.03 -2.90
CA ASN B 210 -21.96 9.44 -1.60
C ASN B 210 -20.46 9.16 -1.41
N TYR B 211 -19.77 8.74 -2.49
CA TYR B 211 -18.32 8.59 -2.44
C TYR B 211 -17.64 9.92 -2.16
N PHE B 212 -18.03 10.96 -2.88
CA PHE B 212 -17.42 12.26 -2.64
C PHE B 212 -17.73 12.80 -1.27
N GLY B 213 -18.92 12.49 -0.73
CA GLY B 213 -19.26 12.97 0.59
C GLY B 213 -18.35 12.38 1.68
N GLU B 214 -18.06 11.08 1.56
CA GLU B 214 -17.15 10.49 2.53
C GLU B 214 -15.75 11.04 2.38
N LEU B 215 -15.30 11.18 1.13
CA LEU B 215 -13.98 11.75 0.87
C LEU B 215 -13.86 13.14 1.51
N GLN B 216 -14.88 13.97 1.34
CA GLN B 216 -14.84 15.32 1.86
C GLN B 216 -14.89 15.32 3.39
N PHE B 217 -15.72 14.47 3.98
CA PHE B 217 -15.82 14.35 5.43
C PHE B 217 -14.50 13.91 6.03
N ALA B 218 -13.89 12.89 5.43
CA ALA B 218 -12.58 12.43 5.88
C ALA B 218 -11.56 13.57 5.84
N PHE B 219 -11.55 14.35 4.75
CA PHE B 219 -10.61 15.47 4.73
C PHE B 219 -10.89 16.45 5.87
N LEU B 220 -12.16 16.75 6.08
CA LEU B 220 -12.49 17.78 7.05
C LEU B 220 -12.11 17.34 8.46
N ASN B 221 -12.25 16.04 8.77
CA ASN B 221 -11.84 15.56 10.09
CA ASN B 221 -11.83 15.53 10.07
C ASN B 221 -10.31 15.54 10.20
N ALA B 222 -9.61 15.23 9.09
CA ALA B 222 -8.15 15.36 9.10
C ALA B 222 -7.73 16.80 9.37
N MET B 223 -8.34 17.76 8.67
CA MET B 223 -7.92 19.15 8.81
C MET B 223 -8.30 19.74 10.18
N PHE B 224 -9.54 19.55 10.61
CA PHE B 224 -9.96 20.28 11.81
C PHE B 224 -9.52 19.61 13.11
N PHE B 225 -9.34 18.29 13.13
CA PHE B 225 -8.99 17.60 14.36
C PHE B 225 -7.66 16.87 14.29
N GLY B 226 -6.91 17.01 13.21
CA GLY B 226 -5.71 16.20 13.06
C GLY B 226 -5.93 14.72 13.20
N ASN B 227 -7.09 14.24 12.75
CA ASN B 227 -7.42 12.82 12.85
C ASN B 227 -6.64 12.03 11.80
N TYR B 228 -5.70 11.20 12.27
CA TYR B 228 -4.77 10.52 11.40
C TYR B 228 -5.48 9.52 10.52
N GLY B 229 -6.39 8.74 11.10
CA GLY B 229 -7.12 7.75 10.31
C GLY B 229 -7.99 8.37 9.24
N SER B 230 -8.51 9.56 9.53
CA SER B 230 -9.28 10.29 8.52
C SER B 230 -8.40 10.71 7.36
N SER B 231 -7.19 11.20 7.66
CA SER B 231 -6.25 11.54 6.60
C SER B 231 -5.91 10.32 5.75
N LEU B 232 -5.63 9.19 6.39
CA LEU B 232 -5.42 7.95 5.64
C LEU B 232 -6.56 7.67 4.68
N GLN B 233 -7.80 7.84 5.18
CA GLN B 233 -8.97 7.52 4.41
C GLN B 233 -9.12 8.46 3.23
N TRP B 234 -8.98 9.79 3.47
CA TRP B 234 -9.02 10.77 2.36
C TRP B 234 -8.05 10.39 1.24
N HIS B 235 -6.79 10.12 1.60
CA HIS B 235 -5.79 9.80 0.58
C HIS B 235 -6.10 8.51 -0.14
N ALA B 236 -6.66 7.52 0.56
CA ALA B 236 -6.98 6.25 -0.10
C ALA B 236 -8.08 6.44 -1.12
N MET B 237 -9.06 7.28 -0.81
CA MET B 237 -10.16 7.50 -1.75
C MET B 237 -9.71 8.30 -2.96
N ILE B 238 -8.68 9.13 -2.77
CA ILE B 238 -8.10 9.84 -3.90
C ILE B 238 -7.30 8.86 -4.76
N GLU B 239 -6.43 8.13 -4.11
CA GLU B 239 -5.59 7.19 -4.84
C GLU B 239 -6.44 6.22 -5.64
N LEU B 240 -7.55 5.73 -5.06
CA LEU B 240 -8.36 4.76 -5.82
C LEU B 240 -8.92 5.34 -7.11
N ILE B 241 -9.31 6.62 -7.11
CA ILE B 241 -9.75 7.23 -8.35
C ILE B 241 -8.58 7.44 -9.29
N CYS B 242 -7.49 8.00 -8.79
CA CYS B 242 -6.40 8.36 -9.71
C CYS B 242 -5.79 7.11 -10.32
N SER B 243 -5.84 6.00 -9.58
CA SER B 243 -5.29 4.73 -10.06
C SER B 243 -6.26 3.88 -10.86
N SER B 244 -7.40 4.42 -11.27
CA SER B 244 -8.32 3.72 -12.17
C SER B 244 -8.19 4.32 -13.56
N ALA B 245 -8.01 3.46 -14.59
CA ALA B 245 -7.94 3.97 -15.95
C ALA B 245 -9.29 4.45 -16.46
N THR B 246 -10.37 3.94 -15.90
CA THR B 246 -11.71 4.24 -16.41
C THR B 246 -12.52 4.89 -15.29
N VAL B 247 -12.69 6.20 -15.39
CA VAL B 247 -13.44 6.97 -14.40
C VAL B 247 -14.48 7.80 -15.15
N PRO B 248 -15.75 7.73 -14.76
CA PRO B 248 -16.76 8.61 -15.36
C PRO B 248 -16.28 10.04 -15.51
N LYS B 249 -16.57 10.64 -16.67
CA LYS B 249 -16.04 11.97 -16.98
C LYS B 249 -16.46 13.00 -15.96
N HIS B 250 -17.69 12.87 -15.44
CA HIS B 250 -18.17 13.89 -14.50
C HIS B 250 -17.49 13.77 -13.15
N MET B 251 -17.12 12.55 -12.76
CA MET B 251 -16.39 12.38 -11.52
C MET B 251 -15.02 13.04 -11.60
N LEU B 252 -14.33 12.89 -12.73
CA LEU B 252 -12.98 13.44 -12.83
C LEU B 252 -13.00 14.96 -12.75
N ASP B 253 -13.94 15.58 -13.47
CA ASP B 253 -14.10 17.02 -13.40
C ASP B 253 -14.44 17.47 -11.99
N LYS B 254 -15.39 16.78 -11.35
CA LYS B 254 -15.77 17.21 -10.02
C LYS B 254 -14.64 16.96 -9.02
N LEU B 255 -13.93 15.83 -9.15
CA LEU B 255 -12.80 15.58 -8.26
C LEU B 255 -11.81 16.74 -8.27
N ASP B 256 -11.48 17.26 -9.47
CA ASP B 256 -10.52 18.36 -9.52
C ASP B 256 -11.00 19.56 -8.70
N GLU B 257 -12.30 19.84 -8.76
CA GLU B 257 -12.87 20.96 -8.00
C GLU B 257 -12.80 20.67 -6.51
N ILE B 258 -13.12 19.44 -6.13
CA ILE B 258 -13.11 19.04 -4.72
C ILE B 258 -11.72 19.23 -4.13
N LEU B 259 -10.73 18.61 -4.75
CA LEU B 259 -9.38 18.64 -4.19
C LEU B 259 -8.84 20.06 -4.18
N TYR B 260 -9.18 20.83 -5.21
CA TYR B 260 -8.71 22.20 -5.31
C TYR B 260 -9.04 22.99 -4.06
N TYR B 261 -10.32 22.97 -3.68
CA TYR B 261 -10.73 23.70 -2.47
C TYR B 261 -10.18 23.10 -1.17
N GLN B 262 -9.83 21.81 -1.14
CA GLN B 262 -9.25 21.24 0.06
C GLN B 262 -7.82 21.73 0.23
N ILE B 263 -7.06 21.69 -0.86
CA ILE B 263 -5.68 22.16 -0.78
C ILE B 263 -5.68 23.68 -0.59
N LYS B 264 -6.63 24.37 -1.21
CA LYS B 264 -6.68 25.81 -0.98
C LYS B 264 -6.92 26.14 0.49
N THR B 265 -7.73 25.33 1.17
CA THR B 265 -8.15 25.66 2.53
C THR B 265 -7.19 25.15 3.60
N LEU B 266 -6.32 24.20 3.25
CA LEU B 266 -5.38 23.63 4.22
C LEU B 266 -4.46 24.70 4.79
N PRO B 267 -4.29 24.75 6.13
CA PRO B 267 -3.24 25.59 6.70
C PRO B 267 -1.90 25.30 6.04
N GLU B 268 -1.18 26.37 5.69
CA GLU B 268 0.12 26.20 5.05
C GLU B 268 1.10 25.51 5.98
N GLN B 269 0.90 25.65 7.28
CA GLN B 269 1.80 25.11 8.29
C GLN B 269 1.43 23.69 8.72
N TYR B 270 0.50 23.06 8.02
CA TYR B 270 0.07 21.70 8.34
C TYR B 270 0.38 20.71 7.22
N SER B 271 0.87 21.18 6.08
CA SER B 271 1.07 20.31 4.93
C SER B 271 2.14 19.26 5.16
N ASP B 272 2.95 19.40 6.21
CA ASP B 272 3.99 18.40 6.48
C ASP B 272 3.40 17.08 6.97
N ILE B 273 2.26 17.12 7.67
CA ILE B 273 1.68 15.94 8.30
C ILE B 273 0.44 15.45 7.56
N LEU B 274 -0.37 16.37 7.04
CA LEU B 274 -1.67 16.03 6.45
C LEU B 274 -1.59 15.66 4.97
N LEU B 275 -0.43 15.73 4.35
CA LEU B 275 -0.30 15.47 2.93
C LEU B 275 0.72 14.36 2.73
N ASN B 276 0.33 13.33 1.99
CA ASN B 276 1.16 12.15 1.80
C ASN B 276 1.91 12.27 0.47
N GLU B 277 3.22 12.47 0.57
CA GLU B 277 4.09 12.61 -0.60
C GLU B 277 3.77 11.59 -1.68
N ARG B 278 3.79 10.32 -1.32
CA ARG B 278 3.67 9.28 -2.33
C ARG B 278 2.36 9.39 -3.08
N VAL B 279 1.27 9.61 -2.36
CA VAL B 279 -0.04 9.63 -2.99
C VAL B 279 -0.13 10.78 -3.98
N TRP B 280 0.29 11.98 -3.55
CA TRP B 280 0.12 13.15 -4.40
C TRP B 280 1.04 13.08 -5.62
N ASN B 281 2.30 12.69 -5.41
CA ASN B 281 3.21 12.58 -6.54
C ASN B 281 2.76 11.51 -7.54
N ILE B 282 2.26 10.38 -7.03
CA ILE B 282 1.69 9.38 -7.94
C ILE B 282 0.44 9.94 -8.61
N CYS B 283 -0.43 10.62 -7.86
CA CYS B 283 -1.71 11.02 -8.43
C CYS B 283 -1.55 12.08 -9.51
N LEU B 284 -0.65 13.03 -9.31
CA LEU B 284 -0.53 14.17 -10.22
C LEU B 284 0.41 13.94 -11.37
N TYR B 285 1.34 12.97 -11.27
CA TYR B 285 2.44 12.87 -12.22
C TYR B 285 2.69 11.48 -12.82
N SER B 286 2.10 10.41 -12.26
CA SER B 286 2.38 9.07 -12.76
C SER B 286 1.14 8.23 -13.01
N SER B 287 -0.05 8.64 -12.57
CA SER B 287 -1.24 7.81 -12.63
C SER B 287 -2.02 8.05 -13.92
N PHE B 288 -3.07 7.24 -14.11
CA PHE B 288 -3.92 7.35 -15.27
C PHE B 288 -4.52 8.73 -15.42
N GLN B 289 -4.80 9.39 -14.30
CA GLN B 289 -5.45 10.69 -14.30
C GLN B 289 -4.45 11.81 -14.04
N LYS B 290 -3.16 11.56 -14.27
CA LYS B 290 -2.14 12.58 -14.06
C LYS B 290 -2.44 13.88 -14.80
N ASN B 291 -3.23 13.81 -15.86
CA ASN B 291 -3.52 14.97 -16.69
C ASN B 291 -4.94 15.50 -16.51
N SER B 292 -5.73 14.90 -15.62
CA SER B 292 -7.13 15.27 -15.44
C SER B 292 -7.37 16.12 -14.21
N LEU B 293 -6.33 16.65 -13.57
CA LEU B 293 -6.47 17.40 -12.33
C LEU B 293 -5.74 18.74 -12.45
N HIS B 294 -6.09 19.49 -13.49
CA HIS B 294 -5.35 20.70 -13.84
C HIS B 294 -5.40 21.73 -12.71
N ASN B 295 -6.59 22.02 -12.20
CA ASN B 295 -6.66 23.02 -11.15
C ASN B 295 -5.96 22.53 -9.89
N THR B 296 -6.13 21.25 -9.54
CA THR B 296 -5.50 20.76 -8.32
C THR B 296 -3.99 20.75 -8.48
N GLU B 297 -3.50 20.20 -9.59
CA GLU B 297 -2.06 20.24 -9.88
C GLU B 297 -1.55 21.68 -9.86
N LYS B 298 -2.30 22.60 -10.47
CA LYS B 298 -1.84 23.99 -10.50
C LYS B 298 -1.67 24.56 -9.08
N ILE B 299 -2.68 24.40 -8.21
CA ILE B 299 -2.56 25.00 -6.89
C ILE B 299 -1.57 24.23 -6.02
N MET B 300 -1.40 22.93 -6.25
CA MET B 300 -0.38 22.20 -5.48
C MET B 300 1.02 22.68 -5.84
N GLU B 301 1.24 23.03 -7.11
CA GLU B 301 2.56 23.45 -7.58
C GLU B 301 2.92 24.86 -7.12
N ASN B 302 1.98 25.80 -7.19
CA ASN B 302 2.28 27.16 -6.73
C ASN B 302 2.35 27.25 -5.21
N LYS B 303 1.81 26.27 -4.48
CA LYS B 303 1.67 26.37 -3.03
C LYS B 303 2.51 25.35 -2.26
N TYR B 304 2.63 24.11 -2.75
CA TYR B 304 3.48 23.11 -2.09
C TYR B 304 4.43 22.44 -3.08
N PRO B 305 5.22 23.21 -3.83
CA PRO B 305 6.21 22.58 -4.72
C PRO B 305 7.34 21.88 -3.97
N GLU B 306 7.42 22.02 -2.64
CA GLU B 306 8.43 21.29 -1.87
C GLU B 306 8.12 19.81 -1.86
N LEU B 307 6.92 19.43 -1.39
CA LEU B 307 6.51 18.05 -1.34
C LEU B 307 6.78 17.32 -2.65
N LEU B 308 6.67 18.02 -3.76
CA LEU B 308 6.88 17.41 -5.08
C LEU B 308 8.35 17.54 -5.50
N1 V2L C . 14.76 -35.77 -8.23
C7 V2L C . 14.17 -35.55 -6.15
C8 V2L C . 15.19 -35.75 -6.99
N2 V2L C . 11.33 -36.30 -8.96
C9 V2L C . 13.48 -35.63 -8.16
C1 V2L C . 12.19 -31.66 -6.52
C5 V2L C . 10.07 -32.01 -5.83
C6 V2L C . 11.82 -35.24 -6.33
C4 V2L C . 10.35 -33.37 -5.76
C3 V2L C . 11.55 -33.78 -6.12
C2 V2L C . 12.44 -32.96 -6.46
C10 V2L C . 12.69 -35.70 -9.35
N V2L C . 13.09 -35.47 -6.88
C V2L C . 11.00 -31.18 -6.23
#